data_5UR5
#
_entry.id   5UR5
#
_cell.length_a   82.605
_cell.length_b   88.220
_cell.length_c   112.167
_cell.angle_alpha   90.000
_cell.angle_beta   90.000
_cell.angle_gamma   90.000
#
_symmetry.space_group_name_H-M   'F 2 2 2'
#
loop_
_entity.id
_entity.type
_entity.pdbx_description
1 polymer 'Abscisic acid receptor PYR1'
2 non-polymer 'SULFATE ION'
3 non-polymer N-(4-cyano-3-ethyl-5-methylphenyl)-1-(4-methylphenyl)methanesulfonamide
4 non-polymer GLYCEROL
5 water water
#
_entity_poly.entity_id   1
_entity_poly.type   'polypeptide(L)'
_entity_poly.pdbx_seq_one_letter_code
;MPSELTPEERSELKNSIAEFHTYQLDPGSCSSLHAQRIHAPPELVWSIVRRFDKPQTYKHFIKSCSVEQNFEMRVGCTRD
VIVISGLPANTSTERLDILDDERRVTGFSIIGGEHRLTNYKSVTTVHRFEKENRIWTVVLESYVVDMPEGNSEDDTRMFA
DTVVKLNLQKLATVAEAMARN
;
_entity_poly.pdbx_strand_id   A
#
loop_
_chem_comp.id
_chem_comp.type
_chem_comp.name
_chem_comp.formula
8KP non-polymer N-(4-cyano-3-ethyl-5-methylphenyl)-1-(4-methylphenyl)methanesulfonamide 'C18 H20 N2 O2 S'
GOL non-polymer GLYCEROL 'C3 H8 O3'
SO4 non-polymer 'SULFATE ION' 'O4 S -2'
#
# COMPACT_ATOMS: atom_id res chain seq x y z
N LEU A 5 -12.49 -11.65 -1.76
CA LEU A 5 -13.03 -11.63 -0.40
C LEU A 5 -14.33 -12.42 -0.29
N THR A 6 -14.52 -13.07 0.84
CA THR A 6 -15.78 -13.75 1.10
C THR A 6 -16.85 -12.73 1.45
N PRO A 7 -18.14 -13.10 1.32
CA PRO A 7 -19.19 -12.20 1.80
C PRO A 7 -19.02 -11.77 3.24
N GLU A 8 -18.58 -12.69 4.12
CA GLU A 8 -18.37 -12.32 5.52
C GLU A 8 -17.21 -11.35 5.68
N GLU A 9 -16.11 -11.57 4.93
CA GLU A 9 -15.00 -10.63 4.97
C GLU A 9 -15.43 -9.25 4.47
N ARG A 10 -16.12 -9.20 3.31
CA ARG A 10 -16.59 -7.90 2.80
C ARG A 10 -17.51 -7.23 3.80
N SER A 11 -18.40 -8.01 4.43
CA SER A 11 -19.31 -7.44 5.42
C SER A 11 -18.54 -6.85 6.61
N GLU A 12 -17.52 -7.56 7.10
CA GLU A 12 -16.78 -7.08 8.26
C GLU A 12 -15.84 -5.94 7.93
N LEU A 13 -15.53 -5.73 6.65
CA LEU A 13 -14.63 -4.64 6.25
C LEU A 13 -15.37 -3.39 5.81
N LYS A 14 -16.70 -3.42 5.77
CA LYS A 14 -17.44 -2.28 5.25
C LYS A 14 -17.16 -1.02 6.06
N ASN A 15 -17.09 -1.15 7.39
CA ASN A 15 -16.73 -0.02 8.24
C ASN A 15 -15.39 0.57 7.85
N SER A 16 -14.35 -0.28 7.75
CA SER A 16 -13.02 0.22 7.45
C SER A 16 -12.96 0.86 6.07
N ILE A 17 -13.72 0.33 5.11
CA ILE A 17 -13.73 0.94 3.79
C ILE A 17 -14.33 2.34 3.85
N ALA A 18 -15.45 2.50 4.57
CA ALA A 18 -16.03 3.83 4.74
C ALA A 18 -15.10 4.75 5.53
N GLU A 19 -14.39 4.21 6.52
CA GLU A 19 -13.57 5.03 7.39
C GLU A 19 -12.30 5.53 6.70
N PHE A 20 -11.63 4.67 5.95
CA PHE A 20 -10.27 4.96 5.49
C PHE A 20 -10.10 4.96 3.99
N HIS A 21 -11.06 4.44 3.22
CA HIS A 21 -10.85 4.17 1.81
C HIS A 21 -11.92 4.81 0.94
N THR A 22 -12.50 5.91 1.39
CA THR A 22 -13.49 6.64 0.59
C THR A 22 -12.88 7.94 0.07
N TYR A 23 -13.13 8.25 -1.20
CA TYR A 23 -12.52 9.38 -1.87
C TYR A 23 -13.58 10.21 -2.57
N GLN A 24 -13.25 11.48 -2.79
CA GLN A 24 -14.05 12.38 -3.61
C GLN A 24 -13.49 12.29 -5.02
N LEU A 25 -14.19 11.55 -5.90
CA LEU A 25 -13.66 11.17 -7.20
C LEU A 25 -14.25 12.03 -8.31
N ASP A 26 -13.38 12.64 -9.10
CA ASP A 26 -13.76 13.48 -10.21
C ASP A 26 -13.32 12.83 -11.52
N PRO A 27 -13.89 13.25 -12.66
CA PRO A 27 -13.51 12.61 -13.93
C PRO A 27 -12.04 12.69 -14.26
N GLY A 28 -11.31 13.67 -13.72
CA GLY A 28 -9.89 13.80 -13.96
C GLY A 28 -9.02 12.85 -13.19
N SER A 29 -9.61 11.97 -12.38
CA SER A 29 -8.88 11.07 -11.52
C SER A 29 -9.34 9.64 -11.75
N CYS A 30 -8.54 8.70 -11.27
CA CYS A 30 -8.98 7.32 -11.19
C CYS A 30 -8.53 6.77 -9.87
N SER A 31 -9.20 5.70 -9.45
CA SER A 31 -9.04 5.25 -8.08
C SER A 31 -9.56 3.83 -8.00
N SER A 32 -8.99 3.04 -7.10
CA SER A 32 -9.55 1.72 -6.89
C SER A 32 -9.12 1.22 -5.52
N LEU A 33 -9.81 0.18 -5.09
CA LEU A 33 -9.53 -0.51 -3.83
C LEU A 33 -9.21 -1.96 -4.15
N HIS A 34 -8.16 -2.48 -3.52
CA HIS A 34 -7.78 -3.88 -3.67
C HIS A 34 -7.59 -4.52 -2.32
N ALA A 35 -7.79 -5.84 -2.27
CA ALA A 35 -7.71 -6.60 -1.03
C ALA A 35 -6.79 -7.79 -1.23
N GLN A 36 -6.13 -8.20 -0.15
CA GLN A 36 -5.25 -9.37 -0.17
C GLN A 36 -5.44 -10.14 1.14
N ARG A 37 -5.87 -11.38 1.04
CA ARG A 37 -5.87 -12.27 2.19
C ARG A 37 -4.45 -12.75 2.46
N ILE A 38 -4.04 -12.72 3.73
CA ILE A 38 -2.71 -13.12 4.14
C ILE A 38 -2.85 -14.09 5.30
N HIS A 39 -2.26 -15.27 5.17
CA HIS A 39 -2.38 -16.31 6.18
C HIS A 39 -1.23 -16.19 7.18
N ALA A 40 -1.31 -15.10 7.94
CA ALA A 40 -0.32 -14.72 8.94
C ALA A 40 -1.00 -13.79 9.94
N PRO A 41 -0.42 -13.63 11.13
CA PRO A 41 -1.03 -12.76 12.13
C PRO A 41 -0.99 -11.31 11.69
N PRO A 42 -2.05 -10.56 11.96
CA PRO A 42 -2.08 -9.16 11.53
C PRO A 42 -0.97 -8.31 12.13
N GLU A 43 -0.53 -8.60 13.36
CA GLU A 43 0.55 -7.80 13.93
C GLU A 43 1.85 -7.99 13.15
N LEU A 44 2.06 -9.19 12.60
CA LEU A 44 3.22 -9.45 11.76
C LEU A 44 3.13 -8.72 10.42
N VAL A 45 1.98 -8.85 9.74
CA VAL A 45 1.79 -8.12 8.49
C VAL A 45 2.00 -6.63 8.69
N TRP A 46 1.47 -6.09 9.80
CA TRP A 46 1.61 -4.67 10.07
C TRP A 46 3.07 -4.28 10.32
N SER A 47 3.82 -5.11 11.05
CA SER A 47 5.21 -4.77 11.34
CA SER A 47 5.22 -4.77 11.34
C SER A 47 6.02 -4.65 10.05
N ILE A 48 5.64 -5.39 9.00
CA ILE A 48 6.31 -5.32 7.71
C ILE A 48 5.91 -4.06 6.95
N VAL A 49 4.60 -3.87 6.76
CA VAL A 49 4.11 -2.86 5.84
C VAL A 49 4.24 -1.45 6.42
N ARG A 50 4.40 -1.29 7.74
CA ARG A 50 4.50 0.04 8.33
C ARG A 50 5.87 0.70 8.10
N ARG A 51 6.84 -0.02 7.55
CA ARG A 51 8.20 0.51 7.41
C ARG A 51 8.24 1.35 6.14
N PHE A 52 7.89 2.63 6.29
CA PHE A 52 7.91 3.58 5.17
C PHE A 52 9.30 3.69 4.55
N ASP A 53 10.34 3.44 5.34
CA ASP A 53 11.69 3.62 4.81
C ASP A 53 12.16 2.44 3.99
N LYS A 54 11.45 1.31 4.00
CA LYS A 54 11.93 0.09 3.34
C LYS A 54 10.85 -0.55 2.46
N PRO A 55 10.25 0.21 1.54
CA PRO A 55 9.22 -0.39 0.68
C PRO A 55 9.74 -1.52 -0.18
N GLN A 56 11.04 -1.55 -0.48
CA GLN A 56 11.57 -2.62 -1.31
C GLN A 56 11.48 -3.98 -0.62
N THR A 57 11.24 -4.02 0.69
CA THR A 57 11.11 -5.29 1.39
C THR A 57 9.72 -5.90 1.25
N TYR A 58 8.73 -5.15 0.75
CA TYR A 58 7.41 -5.72 0.51
C TYR A 58 6.81 -5.31 -0.82
N LYS A 59 7.57 -4.68 -1.71
CA LYS A 59 7.06 -4.26 -3.02
C LYS A 59 8.03 -4.69 -4.11
N HIS A 60 7.50 -4.80 -5.32
CA HIS A 60 8.27 -5.02 -6.55
C HIS A 60 8.75 -3.68 -7.10
N PHE A 61 9.64 -3.77 -8.10
CA PHE A 61 10.01 -2.71 -9.04
C PHE A 61 10.92 -1.63 -8.46
N ILE A 62 11.45 -1.82 -7.26
CA ILE A 62 12.26 -0.77 -6.64
C ILE A 62 13.73 -1.13 -6.76
N LYS A 63 14.48 -0.31 -7.48
CA LYS A 63 15.93 -0.49 -7.58
C LYS A 63 16.61 -0.09 -6.28
N SER A 64 16.21 1.05 -5.71
CA SER A 64 16.74 1.49 -4.43
C SER A 64 15.75 2.47 -3.82
N CYS A 65 15.85 2.62 -2.49
CA CYS A 65 15.06 3.59 -1.75
C CYS A 65 15.94 4.20 -0.68
N SER A 66 16.08 5.52 -0.71
CA SER A 66 16.95 6.24 0.21
C SER A 66 16.12 7.14 1.11
N VAL A 67 16.54 7.25 2.36
CA VAL A 67 15.97 8.24 3.27
C VAL A 67 17.13 9.03 3.86
N GLU A 68 16.82 10.18 4.44
CA GLU A 68 17.87 11.06 4.93
C GLU A 68 18.58 10.44 6.13
N GLN A 69 19.78 10.95 6.41
CA GLN A 69 20.53 10.52 7.57
C GLN A 69 19.78 10.92 8.84
N ASN A 70 19.93 10.08 9.88
CA ASN A 70 19.14 10.22 11.12
C ASN A 70 17.66 10.32 10.78
N PHE A 71 17.20 9.41 9.93
CA PHE A 71 15.81 9.35 9.54
C PHE A 71 14.92 9.08 10.74
N GLU A 72 13.77 9.78 10.79
CA GLU A 72 12.76 9.56 11.81
C GLU A 72 11.43 9.32 11.10
N MET A 73 10.79 8.19 11.39
CA MET A 73 9.58 7.84 10.66
C MET A 73 8.40 8.55 11.30
N ARG A 74 8.00 9.68 10.72
CA ARG A 74 6.87 10.44 11.22
C ARG A 74 6.26 11.19 10.05
N VAL A 75 5.04 11.68 10.24
CA VAL A 75 4.33 12.34 9.15
C VAL A 75 5.19 13.46 8.58
N GLY A 76 5.34 13.48 7.26
CA GLY A 76 6.11 14.50 6.59
C GLY A 76 7.50 14.06 6.18
N CYS A 77 7.99 12.95 6.73
CA CYS A 77 9.27 12.41 6.27
C CYS A 77 9.10 11.90 4.84
N THR A 78 10.21 11.82 4.12
CA THR A 78 10.16 11.46 2.71
C THR A 78 11.09 10.29 2.38
N ARG A 79 10.85 9.68 1.23
CA ARG A 79 11.74 8.65 0.69
C ARG A 79 11.98 8.93 -0.79
N ASP A 80 13.19 8.62 -1.24
CA ASP A 80 13.60 8.81 -2.63
C ASP A 80 13.70 7.42 -3.26
N VAL A 81 12.74 7.08 -4.11
CA VAL A 81 12.67 5.77 -4.77
C VAL A 81 13.26 5.90 -6.16
N ILE A 82 14.13 4.96 -6.53
CA ILE A 82 14.54 4.78 -7.92
C ILE A 82 13.92 3.47 -8.41
N VAL A 83 13.17 3.56 -9.50
CA VAL A 83 12.45 2.43 -10.07
C VAL A 83 13.41 1.62 -10.93
N ILE A 84 13.20 0.29 -11.00
CA ILE A 84 14.00 -0.51 -11.93
C ILE A 84 13.69 -0.07 -13.37
N SER A 85 14.59 -0.40 -14.28
CA SER A 85 14.47 0.05 -15.65
C SER A 85 13.33 -0.67 -16.35
N GLY A 86 12.83 -0.04 -17.42
CA GLY A 86 11.81 -0.67 -18.24
C GLY A 86 10.39 -0.48 -17.77
N LEU A 87 10.11 0.51 -16.95
CA LEU A 87 8.77 0.83 -16.48
C LEU A 87 8.48 2.29 -16.82
N PRO A 88 7.20 2.70 -16.77
CA PRO A 88 6.88 4.10 -17.11
C PRO A 88 7.20 5.10 -16.01
N ALA A 89 8.32 4.89 -15.31
CA ALA A 89 8.76 5.79 -14.26
C ALA A 89 10.24 5.55 -13.99
N ASN A 90 10.94 6.62 -13.62
CA ASN A 90 12.36 6.54 -13.28
C ASN A 90 12.62 6.78 -11.80
N THR A 91 12.03 7.84 -11.24
CA THR A 91 12.28 8.22 -9.86
C THR A 91 10.97 8.69 -9.25
N SER A 92 10.89 8.62 -7.92
CA SER A 92 9.71 9.10 -7.23
C SER A 92 10.12 9.57 -5.84
N THR A 93 9.65 10.75 -5.46
CA THR A 93 9.80 11.26 -4.10
C THR A 93 8.45 11.17 -3.42
N GLU A 94 8.43 10.56 -2.23
CA GLU A 94 7.17 10.20 -1.60
C GLU A 94 7.20 10.65 -0.15
N ARG A 95 6.03 11.03 0.35
CA ARG A 95 5.88 11.62 1.67
C ARG A 95 4.94 10.74 2.50
N LEU A 96 5.31 10.50 3.76
CA LEU A 96 4.46 9.74 4.67
C LEU A 96 3.34 10.66 5.15
N ASP A 97 2.10 10.28 4.89
CA ASP A 97 0.97 11.16 5.16
C ASP A 97 0.29 10.87 6.49
N ILE A 98 0.26 9.60 6.88
CA ILE A 98 -0.38 9.18 8.12
C ILE A 98 0.25 7.86 8.53
N LEU A 99 0.49 7.73 9.82
CA LEU A 99 0.97 6.48 10.40
C LEU A 99 0.23 6.29 11.72
N ASP A 100 -0.71 5.35 11.73
CA ASP A 100 -1.52 5.09 12.92
C ASP A 100 -1.22 3.64 13.31
N ASP A 101 -0.26 3.47 14.21
CA ASP A 101 0.11 2.13 14.69
C ASP A 101 -1.02 1.49 15.50
N GLU A 102 -1.83 2.30 16.16
CA GLU A 102 -2.91 1.73 16.98
C GLU A 102 -4.02 1.15 16.12
N ARG A 103 -4.38 1.83 15.02
CA ARG A 103 -5.45 1.36 14.16
C ARG A 103 -4.95 0.62 12.91
N ARG A 104 -3.63 0.55 12.70
CA ARG A 104 -3.01 -0.11 11.55
C ARG A 104 -3.48 0.53 10.24
N VAL A 105 -3.20 1.83 10.15
CA VAL A 105 -3.50 2.65 8.98
C VAL A 105 -2.25 3.41 8.60
N THR A 106 -1.85 3.35 7.33
CA THR A 106 -0.77 4.20 6.88
C THR A 106 -1.05 4.64 5.44
N GLY A 107 -0.41 5.72 5.03
CA GLY A 107 -0.67 6.26 3.71
C GLY A 107 0.44 7.19 3.29
N PHE A 108 0.61 7.33 1.98
CA PHE A 108 1.68 8.19 1.46
C PHE A 108 1.18 8.91 0.22
N SER A 109 1.94 9.92 -0.19
CA SER A 109 1.67 10.69 -1.40
C SER A 109 2.96 10.85 -2.19
N ILE A 110 2.84 10.86 -3.52
CA ILE A 110 3.99 11.12 -4.37
C ILE A 110 4.09 12.64 -4.53
N ILE A 111 5.28 13.19 -4.22
CA ILE A 111 5.46 14.63 -4.23
C ILE A 111 6.56 15.06 -5.19
N GLY A 112 7.07 14.15 -6.00
CA GLY A 112 8.06 14.54 -6.99
C GLY A 112 8.52 13.34 -7.78
N GLY A 113 9.40 13.60 -8.73
CA GLY A 113 10.06 12.56 -9.48
C GLY A 113 9.62 12.54 -10.94
N GLU A 114 10.30 11.70 -11.71
CA GLU A 114 10.03 11.51 -13.12
C GLU A 114 9.18 10.25 -13.29
N HIS A 115 7.90 10.44 -13.58
CA HIS A 115 6.91 9.36 -13.63
C HIS A 115 5.61 9.93 -14.21
N ARG A 116 4.61 9.06 -14.38
CA ARG A 116 3.33 9.45 -14.96
C ARG A 116 2.17 9.30 -13.98
N LEU A 117 2.45 9.34 -12.67
CA LEU A 117 1.40 9.12 -11.70
C LEU A 117 1.25 10.36 -10.83
N THR A 118 0.92 11.50 -11.44
CA THR A 118 0.89 12.74 -10.70
C THR A 118 -0.24 12.73 -9.69
N ASN A 119 0.04 13.30 -8.51
CA ASN A 119 -0.92 13.38 -7.40
C ASN A 119 -1.38 12.01 -6.95
N TYR A 120 -0.53 11.00 -7.06
CA TYR A 120 -0.82 9.68 -6.50
C TYR A 120 -0.84 9.75 -4.98
N LYS A 121 -1.89 9.20 -4.37
CA LYS A 121 -1.99 9.12 -2.92
C LYS A 121 -2.56 7.75 -2.60
N SER A 122 -2.00 7.08 -1.61
CA SER A 122 -2.39 5.72 -1.29
C SER A 122 -2.62 5.57 0.20
N VAL A 123 -3.54 4.67 0.56
CA VAL A 123 -3.83 4.33 1.95
C VAL A 123 -3.87 2.82 2.08
N THR A 124 -3.18 2.28 3.08
CA THR A 124 -3.09 0.84 3.36
C THR A 124 -3.58 0.58 4.78
N THR A 125 -4.44 -0.42 4.96
CA THR A 125 -4.94 -0.79 6.28
C THR A 125 -4.89 -2.30 6.44
N VAL A 126 -4.64 -2.76 7.68
CA VAL A 126 -4.40 -4.17 7.98
C VAL A 126 -5.46 -4.61 8.99
N HIS A 127 -6.10 -5.75 8.72
CA HIS A 127 -7.31 -6.14 9.44
C HIS A 127 -7.18 -7.54 9.99
N ARG A 128 -7.59 -7.72 11.25
CA ARG A 128 -7.55 -9.00 11.92
C ARG A 128 -8.84 -9.76 11.66
N PHE A 129 -8.71 -11.03 11.27
CA PHE A 129 -9.85 -11.95 11.23
C PHE A 129 -9.59 -13.13 12.15
N GLU A 130 -10.64 -13.55 12.84
CA GLU A 130 -10.53 -14.67 13.78
C GLU A 130 -11.83 -15.46 13.72
N LYS A 131 -11.72 -16.77 13.48
CA LYS A 131 -12.88 -17.66 13.43
C LYS A 131 -12.42 -19.03 13.92
N GLU A 132 -13.11 -19.57 14.91
CA GLU A 132 -12.73 -20.81 15.59
C GLU A 132 -11.26 -20.65 16.01
N ASN A 133 -10.38 -21.59 15.68
CA ASN A 133 -8.97 -21.50 16.01
C ASN A 133 -8.13 -20.95 14.85
N ARG A 134 -8.75 -20.19 13.96
CA ARG A 134 -8.04 -19.58 12.84
C ARG A 134 -7.85 -18.10 13.11
N ILE A 135 -6.66 -17.59 12.80
CA ILE A 135 -6.38 -16.15 12.79
C ILE A 135 -5.74 -15.82 11.46
N TRP A 136 -6.30 -14.85 10.75
CA TRP A 136 -5.71 -14.46 9.48
C TRP A 136 -5.87 -12.95 9.29
N THR A 137 -5.31 -12.45 8.20
CA THR A 137 -5.23 -11.03 7.92
C THR A 137 -5.85 -10.73 6.56
N VAL A 138 -6.53 -9.60 6.45
CA VAL A 138 -6.79 -9.00 5.15
C VAL A 138 -6.14 -7.62 5.12
N VAL A 139 -5.48 -7.30 4.02
CA VAL A 139 -4.91 -5.99 3.78
C VAL A 139 -5.75 -5.32 2.71
N LEU A 140 -6.11 -4.07 2.95
CA LEU A 140 -6.81 -3.23 1.98
C LEU A 140 -5.86 -2.14 1.55
N GLU A 141 -5.79 -1.88 0.24
CA GLU A 141 -5.00 -0.76 -0.27
C GLU A 141 -5.78 -0.06 -1.35
N SER A 142 -5.93 1.25 -1.19
CA SER A 142 -6.63 2.08 -2.16
C SER A 142 -5.69 3.20 -2.63
N TYR A 143 -6.00 3.76 -3.79
CA TYR A 143 -5.21 4.88 -4.29
C TYR A 143 -6.14 5.80 -5.07
N VAL A 144 -5.69 7.03 -5.23
CA VAL A 144 -6.28 7.96 -6.18
C VAL A 144 -5.10 8.58 -6.93
N VAL A 145 -5.30 8.87 -8.20
CA VAL A 145 -4.22 9.39 -9.02
C VAL A 145 -4.83 10.15 -10.18
N ASP A 146 -4.08 11.13 -10.72
CA ASP A 146 -4.52 11.84 -11.90
C ASP A 146 -4.67 10.89 -13.08
N MET A 147 -5.69 11.13 -13.90
CA MET A 147 -5.91 10.35 -15.10
C MET A 147 -5.50 11.18 -16.29
N PRO A 148 -4.36 10.87 -16.95
CA PRO A 148 -3.83 11.59 -18.12
C PRO A 148 -4.83 11.82 -19.25
N SER A 152 -5.18 5.45 -22.61
CA SER A 152 -4.54 6.34 -21.65
C SER A 152 -5.28 6.31 -20.32
N GLU A 153 -6.60 6.52 -20.39
CA GLU A 153 -7.42 6.51 -19.19
C GLU A 153 -7.51 5.11 -18.59
N ASP A 154 -7.80 4.11 -19.43
CA ASP A 154 -7.83 2.74 -18.95
C ASP A 154 -6.44 2.18 -18.69
N ASP A 155 -5.42 2.73 -19.35
CA ASP A 155 -4.05 2.24 -19.16
C ASP A 155 -3.52 2.60 -17.77
N THR A 156 -3.76 3.83 -17.33
CA THR A 156 -3.30 4.24 -16.00
C THR A 156 -3.89 3.32 -14.93
N ARG A 157 -5.21 3.11 -14.98
CA ARG A 157 -5.84 2.24 -13.99
C ARG A 157 -5.31 0.82 -14.11
N MET A 158 -5.17 0.32 -15.35
CA MET A 158 -4.69 -1.04 -15.56
C MET A 158 -3.28 -1.23 -15.01
N PHE A 159 -2.40 -0.26 -15.28
CA PHE A 159 -1.03 -0.32 -14.76
C PHE A 159 -1.03 -0.23 -13.24
N ALA A 160 -1.67 0.80 -12.69
CA ALA A 160 -1.64 0.99 -11.23
C ALA A 160 -2.28 -0.17 -10.49
N ASP A 161 -3.42 -0.68 -10.99
CA ASP A 161 -4.06 -1.82 -10.34
C ASP A 161 -3.14 -3.04 -10.32
N THR A 162 -2.45 -3.31 -11.44
CA THR A 162 -1.62 -4.51 -11.50
C THR A 162 -0.43 -4.39 -10.56
N VAL A 163 0.18 -3.21 -10.47
CA VAL A 163 1.27 -3.00 -9.52
C VAL A 163 0.79 -3.18 -8.08
N VAL A 164 -0.33 -2.56 -7.72
CA VAL A 164 -0.81 -2.68 -6.34
C VAL A 164 -1.09 -4.13 -6.01
N LYS A 165 -1.72 -4.86 -6.95
CA LYS A 165 -2.04 -6.26 -6.72
C LYS A 165 -0.77 -7.08 -6.55
N LEU A 166 0.22 -6.86 -7.42
CA LEU A 166 1.48 -7.60 -7.30
C LEU A 166 2.20 -7.28 -6.00
N ASN A 167 2.16 -6.03 -5.55
CA ASN A 167 2.81 -5.65 -4.31
C ASN A 167 2.10 -6.22 -3.09
N LEU A 168 0.76 -6.25 -3.11
CA LEU A 168 0.05 -6.92 -2.03
C LEU A 168 0.41 -8.39 -1.97
N GLN A 169 0.58 -9.03 -3.13
CA GLN A 169 0.98 -10.43 -3.15
C GLN A 169 2.37 -10.61 -2.56
N LYS A 170 3.31 -9.70 -2.87
CA LYS A 170 4.64 -9.84 -2.30
C LYS A 170 4.60 -9.72 -0.79
N LEU A 171 3.85 -8.73 -0.27
CA LEU A 171 3.63 -8.61 1.16
C LEU A 171 3.10 -9.91 1.74
N ALA A 172 2.15 -10.54 1.05
CA ALA A 172 1.62 -11.82 1.53
C ALA A 172 2.70 -12.89 1.62
N THR A 173 3.53 -13.02 0.57
CA THR A 173 4.59 -14.04 0.59
C THR A 173 5.59 -13.78 1.71
N VAL A 174 5.95 -12.52 1.94
CA VAL A 174 6.90 -12.19 3.00
C VAL A 174 6.33 -12.57 4.37
N ALA A 175 5.10 -12.12 4.65
CA ALA A 175 4.52 -12.41 5.96
C ALA A 175 4.31 -13.90 6.17
N GLU A 176 3.86 -14.61 5.13
CA GLU A 176 3.63 -16.04 5.27
C GLU A 176 4.94 -16.80 5.44
N ALA A 177 6.01 -16.36 4.79
CA ALA A 177 7.32 -16.95 5.06
C ALA A 177 7.72 -16.76 6.51
N MET A 178 7.47 -15.57 7.08
CA MET A 178 7.88 -15.30 8.46
C MET A 178 7.02 -16.07 9.46
N ALA A 179 5.78 -16.36 9.10
CA ALA A 179 4.84 -16.99 10.03
C ALA A 179 4.96 -18.51 10.09
N ARG A 180 5.80 -19.14 9.25
CA ARG A 180 5.92 -20.60 9.24
C ARG A 180 6.35 -21.13 10.61
N ASN A 181 5.64 -22.14 11.10
CA ASN A 181 5.95 -22.78 12.38
C ASN A 181 7.15 -23.69 12.23
S SO4 B . 2.46 -23.81 8.94
O1 SO4 B . 1.10 -23.29 8.88
O2 SO4 B . 2.91 -24.12 7.58
O3 SO4 B . 3.35 -22.82 9.53
O4 SO4 B . 2.44 -25.03 9.74
S SO4 C . 16.40 -1.78 10.61
O1 SO4 C . 16.59 -0.54 11.34
O2 SO4 C . 16.33 -1.50 9.18
O3 SO4 C . 15.15 -2.41 11.03
O4 SO4 C . 17.53 -2.66 10.88
S SO4 D . 11.53 16.73 -8.58
O1 SO4 D . 10.39 16.32 -9.39
O2 SO4 D . 12.16 17.89 -9.20
O3 SO4 D . 11.09 17.07 -7.23
O4 SO4 D . 12.51 15.64 -8.51
S SO4 E . -6.25 -19.61 7.70
S SO4 E . -3.18 -21.20 8.19
O1 SO4 E . -7.56 -19.44 7.07
O1 SO4 E . -4.55 -20.81 7.87
O2 SO4 E . -5.35 -18.55 7.24
O2 SO4 E . -2.31 -21.02 7.03
O3 SO4 E . -6.40 -19.56 9.14
O3 SO4 E . -2.68 -20.37 9.29
O4 SO4 E . -5.70 -20.90 7.31
O4 SO4 E . -3.14 -22.59 8.61
S SO4 F . -8.76 0.40 16.42
O1 SO4 F . -9.12 1.22 15.27
O2 SO4 F . -9.37 0.96 17.63
O3 SO4 F . -7.31 0.41 16.59
O4 SO4 F . -9.20 -0.96 16.20
S SO4 G . -5.64 -5.96 17.49
O1 SO4 G . -6.58 -6.08 16.37
O2 SO4 G . -5.16 -4.58 17.56
O3 SO4 G . -6.34 -6.28 18.73
O4 SO4 G . -4.53 -6.88 17.31
CAT 8KP H . 6.98 1.08 -10.64
CAS 8KP H . 5.79 1.48 -9.79
CAO 8KP H . 6.12 2.74 -9.02
CAK 8KP H . 6.58 2.67 -7.70
CAN 8KP H . 5.94 3.98 -9.63
CAQ 8KP H . 5.46 4.05 -11.00
NAR 8KP H . 5.07 4.11 -12.12
CAM 8KP H . 6.23 5.14 -8.93
CAP 8KP H . 6.06 6.52 -9.58
CAL 8KP H . 6.70 5.08 -7.61
CAJ 8KP H . 6.87 3.85 -6.98
NAI 8KP H . 7.35 3.87 -5.62
SAH 8KP H . 6.93 2.72 -4.48
OAU 8KP H . 6.88 1.43 -5.06
OAV 8KP H . 7.81 2.93 -3.36
CAG 8KP H . 5.28 3.13 -3.89
CAE 8KP H . 4.27 3.00 -5.03
CAD 8KP H . 3.93 4.11 -5.80
CAC 8KP H . 3.01 3.99 -6.84
CAB 8KP H . 2.42 2.74 -7.10
CAW 8KP H . 1.41 2.56 -8.23
CAA 8KP H . 2.76 1.64 -6.32
CAF 8KP H . 3.68 1.77 -5.28
C1 GOL I . -6.01 -4.26 13.06
O1 GOL I . -6.00 -5.36 12.21
C2 GOL I . -7.37 -3.59 13.04
O2 GOL I . -7.35 -2.52 13.90
C3 GOL I . -8.35 -4.70 13.48
O3 GOL I . -8.77 -5.35 12.34
C1 GOL J . 13.16 -6.05 7.52
O1 GOL J . 13.18 -6.77 8.72
C2 GOL J . 13.39 -4.57 7.91
O2 GOL J . 14.26 -3.94 7.05
C3 GOL J . 11.98 -3.93 7.86
O3 GOL J . 11.03 -4.93 8.14
C1 GOL K . -2.61 12.97 11.45
O1 GOL K . -1.45 13.74 11.54
C2 GOL K . -3.31 13.37 10.13
O2 GOL K . -3.14 14.71 9.84
C3 GOL K . -2.66 12.47 9.07
O3 GOL K . -1.30 12.61 9.22
C1 GOL L . 9.24 2.87 15.33
O1 GOL L . 8.46 3.99 15.14
C2 GOL L . 9.72 2.49 13.93
O2 GOL L . 10.33 1.23 13.90
C3 GOL L . 10.66 3.64 13.50
O3 GOL L . 11.29 3.25 12.31
#